data_1APU
#
_entry.id   1APU
#
_cell.length_a   97.240
_cell.length_b   46.500
_cell.length_c   65.650
_cell.angle_alpha   90.00
_cell.angle_beta   115.34
_cell.angle_gamma   90.00
#
_symmetry.space_group_name_H-M   'C 1 2 1'
#
loop_
_entity.id
_entity.type
_entity.pdbx_description
1 polymer 'PROTEIN (PENICILLOPEPSIN)'
2 polymer 'PEPSTATIN ANALOGUE ISOVALERYL-VAL-VAL-STA-O-ET'
3 non-polymer alpha-D-mannopyranose
4 water water
#
loop_
_entity_poly.entity_id
_entity_poly.type
_entity_poly.pdbx_seq_one_letter_code
_entity_poly.pdbx_strand_id
1 'polypeptide(L)'
;AASGVATNTPTANDEEYITPVTIGGTTLNLNFDTGSADLWVFSTELPASQQSGHSVYNPSATGKELSGYTWSISYGDGSS
ASGNVFTDSVTVGGVTAHGQAVQAAQQISAQFQQDTNNDGLLGLAFSSINTVQPQSQTTFFDTVKSSLAQPLFAVALKHQ
QPGVYDFGFIDSSKYTGSLTYTGVDNSQGFWSFNVDSYTAGSQSGDGFSGIADTGTTLLLLDDSVVSQYYSQVSGAQQDS
NAGGYVFDCSTNLPDFSVSISGYTATVPGSLINYGPSGDGSTCLGGIQSNSGIGFSIFGDIFLKSQYVVFDSDGPQLGFA
PQA
;
E
2 'polypeptide(L)' (IVA)VV(32L) I
#
# COMPACT_ATOMS: atom_id res chain seq x y z
N ALA A 1 10.64 -3.56 -25.43
CA ALA A 1 10.64 -3.10 -24.01
C ALA A 1 9.23 -3.41 -23.44
N ALA A 2 9.14 -3.67 -22.13
CA ALA A 2 7.80 -4.01 -21.64
C ALA A 2 7.27 -2.86 -20.75
N SER A 3 5.93 -2.94 -20.74
CA SER A 3 5.10 -2.05 -19.93
C SER A 3 3.79 -2.81 -19.71
N GLY A 4 2.96 -2.34 -18.79
CA GLY A 4 1.66 -3.01 -18.58
C GLY A 4 0.85 -2.18 -17.61
N VAL A 5 -0.44 -2.43 -17.64
CA VAL A 5 -1.39 -1.74 -16.76
C VAL A 5 -2.14 -2.80 -15.98
N ALA A 6 -2.18 -2.70 -14.67
CA ALA A 6 -2.93 -3.72 -13.90
C ALA A 6 -4.06 -2.91 -13.33
N THR A 7 -5.27 -3.42 -13.32
CA THR A 7 -6.34 -2.54 -12.75
C THR A 7 -6.51 -2.98 -11.31
N ASN A 8 -6.71 -2.06 -10.43
CA ASN A 8 -6.96 -2.37 -9.02
C ASN A 8 -8.45 -2.00 -8.75
N THR A 9 -8.95 -2.59 -7.69
CA THR A 9 -10.32 -2.32 -7.24
C THR A 9 -10.31 -2.23 -5.71
N PRO A 10 -10.92 -1.19 -5.18
CA PRO A 10 -11.03 -1.06 -3.72
C PRO A 10 -12.05 -2.08 -3.18
N THR A 11 -11.82 -2.49 -1.96
CA THR A 11 -12.82 -3.35 -1.27
C THR A 11 -13.77 -2.35 -0.63
N ALA A 12 -14.71 -2.83 0.17
CA ALA A 12 -15.69 -1.97 0.87
C ALA A 12 -14.95 -0.86 1.64
N ASN A 13 -15.47 0.34 1.46
CA ASN A 13 -14.96 1.55 2.07
C ASN A 13 -13.49 1.86 1.67
N ASP A 14 -13.03 1.22 0.62
CA ASP A 14 -11.63 1.40 0.20
C ASP A 14 -10.67 0.91 1.28
N GLU A 15 -11.03 -0.18 1.95
CA GLU A 15 -10.14 -0.66 3.04
C GLU A 15 -8.81 -1.18 2.45
N GLU A 16 -8.93 -1.84 1.33
CA GLU A 16 -7.70 -2.31 0.64
C GLU A 16 -7.93 -2.30 -0.85
N TYR A 17 -6.84 -2.40 -1.64
CA TYR A 17 -6.98 -2.40 -3.12
C TYR A 17 -6.44 -3.75 -3.63
N ILE A 18 -7.20 -4.43 -4.44
CA ILE A 18 -6.68 -5.75 -4.89
C ILE A 18 -6.59 -5.70 -6.41
N THR A 19 -5.59 -6.44 -6.84
CA THR A 19 -5.26 -6.58 -8.26
C THR A 19 -4.94 -8.06 -8.56
N PRO A 20 -5.39 -8.54 -9.68
CA PRO A 20 -5.14 -9.94 -10.09
C PRO A 20 -3.69 -10.11 -10.50
N VAL A 21 -3.14 -11.25 -10.11
CA VAL A 21 -1.75 -11.66 -10.41
C VAL A 21 -1.82 -13.15 -10.81
N THR A 22 -1.17 -13.52 -11.88
CA THR A 22 -1.19 -14.93 -12.28
C THR A 22 0.16 -15.55 -11.93
N ILE A 23 0.08 -16.57 -11.10
CA ILE A 23 1.29 -17.30 -10.67
C ILE A 23 1.24 -18.75 -11.15
N GLY A 24 2.20 -19.09 -11.99
CA GLY A 24 2.22 -20.46 -12.56
C GLY A 24 0.82 -20.80 -13.11
N GLY A 25 0.15 -19.84 -13.76
CA GLY A 25 -1.18 -20.16 -14.34
C GLY A 25 -2.43 -19.94 -13.53
N THR A 26 -2.32 -19.80 -12.24
CA THR A 26 -3.45 -19.53 -11.34
C THR A 26 -3.51 -18.02 -11.04
N THR A 27 -4.68 -17.44 -11.21
CA THR A 27 -4.81 -16.00 -10.87
C THR A 27 -5.29 -15.86 -9.43
N LEU A 28 -4.60 -15.06 -8.65
CA LEU A 28 -4.89 -14.74 -7.26
C LEU A 28 -5.17 -13.21 -7.19
N ASN A 29 -5.96 -12.79 -6.25
CA ASN A 29 -6.28 -11.36 -6.02
C ASN A 29 -5.37 -10.88 -4.90
N LEU A 30 -4.35 -10.07 -5.27
CA LEU A 30 -3.37 -9.69 -4.23
C LEU A 30 -3.46 -8.20 -3.88
N ASN A 31 -2.97 -7.95 -2.67
CA ASN A 31 -2.92 -6.49 -2.24
C ASN A 31 -1.52 -6.00 -2.54
N PHE A 32 -1.36 -5.02 -3.41
CA PHE A 32 -0.02 -4.49 -3.77
C PHE A 32 0.40 -3.56 -2.63
N ASP A 33 1.56 -3.80 -2.05
CA ASP A 33 1.99 -3.07 -0.87
C ASP A 33 3.37 -2.43 -1.03
N THR A 34 3.37 -1.10 -1.24
CA THR A 34 4.68 -0.43 -1.37
C THR A 34 5.34 -0.31 0.01
N GLY A 35 4.73 -0.80 1.08
CA GLY A 35 5.46 -0.70 2.36
C GLY A 35 6.18 -1.97 2.70
N SER A 36 6.14 -3.02 1.90
CA SER A 36 6.88 -4.28 2.25
C SER A 36 7.44 -4.86 0.97
N ALA A 37 8.37 -5.82 1.13
CA ALA A 37 9.07 -6.38 -0.03
C ALA A 37 8.94 -7.89 -0.19
N ASP A 38 7.86 -8.43 0.33
CA ASP A 38 7.59 -9.86 0.23
C ASP A 38 6.36 -10.11 -0.67
N LEU A 39 6.53 -11.09 -1.55
CA LEU A 39 5.39 -11.56 -2.39
C LEU A 39 4.96 -12.87 -1.74
N TRP A 40 3.90 -12.87 -0.93
CA TRP A 40 3.47 -14.12 -0.28
C TRP A 40 1.99 -14.35 -0.62
N VAL A 41 1.70 -15.66 -0.71
CA VAL A 41 0.33 -16.04 -1.10
C VAL A 41 -0.20 -17.18 -0.22
N PHE A 42 -1.53 -17.19 -0.18
CA PHE A 42 -2.28 -18.29 0.46
C PHE A 42 -1.88 -19.51 -0.38
N SER A 43 -1.67 -20.67 0.23
CA SER A 43 -1.20 -21.83 -0.53
C SER A 43 -1.90 -23.11 -0.02
N THR A 44 -1.61 -24.17 -0.78
CA THR A 44 -2.20 -25.47 -0.39
C THR A 44 -1.47 -26.00 0.83
N GLU A 45 -0.41 -25.32 1.33
CA GLU A 45 0.25 -25.82 2.53
C GLU A 45 -0.44 -25.38 3.79
N LEU A 46 -1.45 -24.53 3.66
CA LEU A 46 -2.22 -24.09 4.84
C LEU A 46 -3.29 -25.18 5.12
N PRO A 47 -3.75 -25.18 6.36
CA PRO A 47 -4.84 -26.08 6.78
C PRO A 47 -6.00 -25.84 5.85
N ALA A 48 -6.66 -26.86 5.34
CA ALA A 48 -7.79 -26.73 4.40
C ALA A 48 -8.84 -25.68 4.74
N SER A 49 -9.09 -25.54 6.01
CA SER A 49 -10.05 -24.64 6.64
C SER A 49 -9.64 -23.16 6.51
N GLN A 50 -8.35 -22.93 6.31
CA GLN A 50 -7.83 -21.56 6.20
C GLN A 50 -7.77 -21.20 4.74
N GLN A 51 -7.83 -22.24 3.91
CA GLN A 51 -7.80 -22.05 2.44
C GLN A 51 -9.16 -21.54 1.95
N SER A 52 -10.12 -21.65 2.81
CA SER A 52 -11.51 -21.31 2.61
C SER A 52 -11.80 -19.84 2.26
N GLY A 53 -12.38 -19.72 1.08
CA GLY A 53 -12.79 -18.39 0.58
C GLY A 53 -11.66 -17.62 -0.09
N HIS A 54 -10.67 -18.36 -0.54
CA HIS A 54 -9.48 -17.78 -1.19
C HIS A 54 -9.13 -18.60 -2.41
N SER A 55 -8.38 -18.00 -3.31
CA SER A 55 -7.80 -18.67 -4.49
C SER A 55 -6.40 -19.02 -3.90
N VAL A 56 -5.97 -20.27 -4.07
CA VAL A 56 -4.69 -20.62 -3.42
C VAL A 56 -3.68 -21.09 -4.45
N TYR A 57 -2.44 -20.87 -4.10
CA TYR A 57 -1.36 -21.35 -5.00
C TYR A 57 -1.02 -22.80 -4.56
N ASN A 58 -0.79 -23.60 -5.59
CA ASN A 58 -0.34 -25.00 -5.34
C ASN A 58 1.08 -25.06 -5.91
N PRO A 59 2.06 -24.98 -5.01
CA PRO A 59 3.48 -24.92 -5.39
C PRO A 59 3.98 -26.13 -6.16
N SER A 60 3.39 -27.27 -5.85
CA SER A 60 3.76 -28.56 -6.44
C SER A 60 3.52 -28.62 -7.94
N ALA A 61 2.46 -27.94 -8.33
CA ALA A 61 2.09 -27.91 -9.74
C ALA A 61 3.16 -27.32 -10.63
N THR A 62 3.64 -26.12 -10.33
CA THR A 62 4.57 -25.40 -11.17
C THR A 62 5.80 -24.77 -10.55
N GLY A 63 5.85 -24.69 -9.23
CA GLY A 63 6.97 -23.98 -8.58
C GLY A 63 8.23 -24.80 -8.50
N LYS A 64 9.37 -24.16 -8.38
CA LYS A 64 10.66 -24.84 -8.14
C LYS A 64 10.98 -24.51 -6.65
N GLU A 65 11.08 -25.51 -5.79
CA GLU A 65 11.30 -25.22 -4.35
C GLU A 65 12.68 -24.73 -4.03
N LEU A 66 12.90 -23.81 -3.11
CA LEU A 66 14.24 -23.40 -2.70
C LEU A 66 14.36 -24.13 -1.34
N SER A 67 15.01 -25.28 -1.44
CA SER A 67 15.11 -26.10 -0.21
C SER A 67 15.86 -25.38 0.90
N GLY A 68 15.22 -25.46 2.05
CA GLY A 68 15.73 -24.86 3.28
C GLY A 68 15.43 -23.36 3.48
N TYR A 69 14.76 -22.75 2.53
CA TYR A 69 14.50 -21.31 2.63
C TYR A 69 13.19 -21.07 3.37
N THR A 70 13.21 -20.01 4.15
CA THR A 70 12.02 -19.62 4.93
C THR A 70 11.82 -18.10 4.79
N TRP A 71 10.63 -17.72 5.26
CA TRP A 71 10.35 -16.25 5.29
C TRP A 71 9.41 -16.11 6.50
N SER A 72 9.37 -14.87 6.97
CA SER A 72 8.49 -14.60 8.14
C SER A 72 8.55 -13.08 8.32
N ILE A 73 7.31 -12.59 8.42
CA ILE A 73 7.08 -11.13 8.50
C ILE A 73 6.01 -10.73 9.48
N SER A 74 6.21 -9.54 10.04
CA SER A 74 5.22 -8.93 10.97
C SER A 74 4.92 -7.52 10.42
N TYR A 75 3.64 -7.21 10.31
CA TYR A 75 3.18 -5.92 9.81
C TYR A 75 2.85 -4.97 10.98
N GLY A 76 2.59 -3.74 10.56
CA GLY A 76 2.26 -2.60 11.38
C GLY A 76 0.99 -2.71 12.20
N ASP A 77 0.03 -3.51 11.77
CA ASP A 77 -1.23 -3.68 12.52
C ASP A 77 -1.27 -4.92 13.41
N GLY A 78 -0.17 -5.65 13.55
CA GLY A 78 -0.11 -6.82 14.46
C GLY A 78 -0.19 -8.17 13.72
N SER A 79 -0.38 -8.11 12.42
CA SER A 79 -0.53 -9.33 11.60
C SER A 79 0.84 -9.86 11.21
N SER A 80 0.90 -11.17 10.95
CA SER A 80 2.17 -11.81 10.54
C SER A 80 1.86 -13.05 9.69
N ALA A 81 2.92 -13.55 9.07
CA ALA A 81 2.71 -14.74 8.19
C ALA A 81 4.11 -15.33 8.04
N SER A 82 4.18 -16.62 7.76
CA SER A 82 5.48 -17.31 7.57
C SER A 82 5.24 -18.53 6.67
N GLY A 83 6.36 -18.95 6.06
CA GLY A 83 6.26 -20.14 5.20
C GLY A 83 7.61 -20.44 4.58
N ASN A 84 7.43 -21.12 3.42
CA ASN A 84 8.58 -21.58 2.61
C ASN A 84 8.53 -20.86 1.25
N VAL A 85 9.50 -21.22 0.43
CA VAL A 85 9.70 -20.46 -0.84
C VAL A 85 9.91 -21.28 -2.07
N PHE A 86 9.28 -20.82 -3.15
CA PHE A 86 9.37 -21.44 -4.46
C PHE A 86 9.66 -20.38 -5.50
N THR A 87 10.12 -20.72 -6.67
CA THR A 87 10.23 -19.71 -7.76
C THR A 87 9.18 -20.16 -8.76
N ASP A 88 8.59 -19.17 -9.41
CA ASP A 88 7.57 -19.44 -10.44
C ASP A 88 7.48 -18.26 -11.42
N SER A 89 6.55 -18.36 -12.33
CA SER A 89 6.32 -17.25 -13.30
C SER A 89 5.18 -16.43 -12.69
N VAL A 90 5.44 -15.11 -12.70
CA VAL A 90 4.45 -14.23 -12.04
C VAL A 90 4.11 -13.15 -13.07
N THR A 91 2.83 -13.02 -13.39
CA THR A 91 2.40 -12.03 -14.39
C THR A 91 1.49 -10.96 -13.83
N VAL A 92 1.90 -9.71 -14.14
CA VAL A 92 1.06 -8.62 -13.61
C VAL A 92 0.82 -7.69 -14.80
N GLY A 93 -0.45 -7.50 -15.10
CA GLY A 93 -0.78 -6.61 -16.24
C GLY A 93 0.04 -6.85 -17.49
N GLY A 94 0.23 -8.12 -17.82
CA GLY A 94 0.90 -8.59 -18.98
C GLY A 94 2.41 -8.53 -18.84
N VAL A 95 2.94 -8.15 -17.71
CA VAL A 95 4.42 -8.17 -17.54
C VAL A 95 4.72 -9.45 -16.75
N THR A 96 5.57 -10.30 -17.29
CA THR A 96 5.94 -11.56 -16.64
C THR A 96 7.37 -11.60 -16.10
N ALA A 97 7.47 -11.94 -14.84
CA ALA A 97 8.75 -12.12 -14.15
C ALA A 97 8.97 -13.65 -14.15
N HIS A 98 10.04 -14.09 -14.81
CA HIS A 98 10.31 -15.54 -14.78
C HIS A 98 11.24 -15.75 -13.59
N GLY A 99 11.07 -16.85 -12.91
CA GLY A 99 11.89 -17.20 -11.73
C GLY A 99 11.69 -16.30 -10.53
N GLN A 100 10.48 -15.70 -10.44
CA GLN A 100 10.18 -14.83 -9.28
C GLN A 100 10.01 -15.67 -7.99
N ALA A 101 10.60 -15.18 -6.88
CA ALA A 101 10.40 -15.96 -5.62
C ALA A 101 8.96 -15.78 -5.15
N VAL A 102 8.24 -16.81 -4.83
CA VAL A 102 6.85 -16.76 -4.38
C VAL A 102 6.88 -17.37 -2.97
N GLN A 103 6.48 -16.56 -2.01
CA GLN A 103 6.50 -16.97 -0.59
C GLN A 103 5.18 -17.64 -0.26
N ALA A 104 5.23 -18.98 -0.14
CA ALA A 104 3.98 -19.75 0.14
C ALA A 104 3.70 -19.71 1.63
N ALA A 105 2.47 -19.32 2.00
CA ALA A 105 2.17 -19.27 3.43
C ALA A 105 1.95 -20.70 4.00
N GLN A 106 2.55 -20.88 5.18
CA GLN A 106 2.32 -22.12 5.94
C GLN A 106 1.54 -21.75 7.21
N GLN A 107 1.66 -20.50 7.64
CA GLN A 107 0.97 -20.02 8.85
C GLN A 107 0.54 -18.58 8.59
N ILE A 108 -0.62 -18.19 9.07
CA ILE A 108 -1.10 -16.81 8.89
C ILE A 108 -1.81 -16.42 10.19
N SER A 109 -1.76 -15.16 10.58
CA SER A 109 -2.41 -14.79 11.87
C SER A 109 -3.88 -14.59 11.57
N ALA A 110 -4.72 -14.49 12.59
CA ALA A 110 -6.17 -14.33 12.45
C ALA A 110 -6.59 -13.18 11.55
N GLN A 111 -5.88 -12.07 11.61
CA GLN A 111 -6.24 -10.94 10.71
C GLN A 111 -6.32 -11.42 9.28
N PHE A 112 -5.34 -12.22 8.84
CA PHE A 112 -5.37 -12.70 7.44
C PHE A 112 -6.41 -13.80 7.29
N GLN A 113 -6.51 -14.63 8.30
CA GLN A 113 -7.49 -15.74 8.30
C GLN A 113 -8.88 -15.17 8.01
N GLN A 114 -9.18 -14.09 8.71
CA GLN A 114 -10.51 -13.46 8.56
C GLN A 114 -10.66 -12.63 7.29
N ASP A 115 -9.62 -12.19 6.62
CA ASP A 115 -9.84 -11.30 5.45
C ASP A 115 -9.95 -12.07 4.14
N THR A 116 -11.13 -12.29 3.62
CA THR A 116 -11.29 -13.04 2.37
C THR A 116 -11.22 -12.19 1.10
N ASN A 117 -10.88 -10.94 1.30
CA ASN A 117 -10.73 -9.98 0.21
C ASN A 117 -9.46 -10.20 -0.64
N ASN A 118 -8.43 -10.74 0.00
CA ASN A 118 -7.15 -10.94 -0.71
C ASN A 118 -6.63 -12.38 -0.48
N ASP A 119 -5.71 -12.69 -1.38
CA ASP A 119 -5.11 -14.04 -1.41
C ASP A 119 -3.59 -13.89 -1.12
N GLY A 120 -3.22 -12.76 -0.53
CA GLY A 120 -1.81 -12.54 -0.16
C GLY A 120 -1.40 -11.10 -0.57
N LEU A 121 -0.10 -10.85 -0.54
CA LEU A 121 0.44 -9.52 -0.82
C LEU A 121 1.53 -9.54 -1.88
N LEU A 122 1.65 -8.46 -2.63
CA LEU A 122 2.79 -8.33 -3.59
C LEU A 122 3.53 -7.09 -3.08
N GLY A 123 4.72 -7.26 -2.56
CA GLY A 123 5.50 -6.18 -1.98
C GLY A 123 6.20 -5.37 -3.09
N LEU A 124 6.16 -4.06 -2.91
CA LEU A 124 6.79 -3.14 -3.85
C LEU A 124 7.77 -2.18 -3.17
N ALA A 125 8.14 -2.40 -1.96
CA ALA A 125 9.21 -1.68 -1.26
C ALA A 125 10.53 -2.17 -1.90
N PHE A 126 11.64 -1.58 -1.46
CA PHE A 126 12.97 -2.00 -2.01
C PHE A 126 13.28 -3.41 -1.49
N SER A 127 13.98 -4.15 -2.35
CA SER A 127 14.33 -5.56 -2.04
C SER A 127 15.20 -5.70 -0.80
N SER A 128 15.91 -4.68 -0.36
CA SER A 128 16.79 -4.78 0.80
C SER A 128 16.06 -5.27 2.06
N ILE A 129 14.72 -5.11 2.01
CA ILE A 129 13.97 -5.57 3.20
C ILE A 129 13.11 -6.82 2.99
N ASN A 130 13.39 -7.53 1.91
CA ASN A 130 12.71 -8.85 1.73
C ASN A 130 13.15 -9.74 2.93
N THR A 131 12.26 -10.55 3.51
CA THR A 131 12.54 -11.37 4.69
C THR A 131 13.02 -12.82 4.43
N VAL A 132 13.20 -13.15 3.16
CA VAL A 132 13.62 -14.55 2.87
C VAL A 132 15.03 -14.84 3.42
N GLN A 133 15.10 -16.00 4.03
CA GLN A 133 16.40 -16.47 4.62
C GLN A 133 16.71 -17.87 4.05
N PRO A 134 17.97 -18.23 3.84
CA PRO A 134 19.16 -17.46 4.19
C PRO A 134 19.59 -16.36 3.23
N GLN A 135 19.04 -16.34 2.04
CA GLN A 135 19.39 -15.26 1.08
C GLN A 135 18.08 -14.56 0.62
N SER A 136 18.03 -13.27 0.88
CA SER A 136 16.81 -12.53 0.47
C SER A 136 16.65 -12.50 -1.04
N GLN A 137 15.40 -12.31 -1.45
CA GLN A 137 15.00 -12.34 -2.86
C GLN A 137 14.54 -10.96 -3.34
N THR A 138 14.47 -10.81 -4.67
CA THR A 138 13.99 -9.53 -5.20
C THR A 138 12.48 -9.47 -5.39
N THR A 139 11.94 -8.25 -5.24
CA THR A 139 10.52 -8.03 -5.47
C THR A 139 10.23 -8.20 -6.94
N PHE A 140 8.94 -8.37 -7.26
CA PHE A 140 8.51 -8.48 -8.67
C PHE A 140 9.10 -7.31 -9.47
N PHE A 141 8.95 -6.13 -8.86
CA PHE A 141 9.43 -4.92 -9.61
C PHE A 141 10.92 -4.97 -9.87
N ASP A 142 11.67 -5.35 -8.79
CA ASP A 142 13.15 -5.41 -8.99
C ASP A 142 13.44 -6.50 -10.01
N THR A 143 12.64 -7.55 -10.01
CA THR A 143 12.92 -8.64 -10.97
C THR A 143 12.75 -8.21 -12.43
N VAL A 144 11.72 -7.43 -12.74
CA VAL A 144 11.42 -7.06 -14.12
C VAL A 144 11.97 -5.71 -14.52
N LYS A 145 12.44 -4.96 -13.58
CA LYS A 145 12.87 -3.56 -13.82
C LYS A 145 13.68 -3.31 -15.08
N SER A 146 14.71 -4.14 -15.23
CA SER A 146 15.69 -3.99 -16.33
C SER A 146 15.02 -4.26 -17.68
N SER A 147 13.88 -4.97 -17.64
CA SER A 147 13.21 -5.19 -18.94
C SER A 147 12.13 -4.16 -19.26
N LEU A 148 11.80 -3.29 -18.33
CA LEU A 148 10.74 -2.29 -18.60
C LEU A 148 11.30 -1.14 -19.43
N ALA A 149 10.41 -0.50 -20.20
CA ALA A 149 10.84 0.70 -20.97
C ALA A 149 11.46 1.73 -20.05
N GLN A 150 10.92 1.96 -18.84
CA GLN A 150 11.43 2.88 -17.82
C GLN A 150 11.35 2.10 -16.48
N PRO A 151 12.35 2.24 -15.64
CA PRO A 151 12.36 1.47 -14.38
C PRO A 151 11.55 2.20 -13.30
N LEU A 152 10.25 2.25 -13.52
CA LEU A 152 9.32 2.93 -12.59
C LEU A 152 7.93 2.26 -12.66
N PHE A 153 7.10 2.56 -11.66
CA PHE A 153 5.70 2.10 -11.66
C PHE A 153 4.93 3.36 -11.17
N ALA A 154 3.64 3.39 -11.44
CA ALA A 154 2.91 4.62 -10.99
C ALA A 154 1.56 4.08 -10.53
N VAL A 155 0.95 4.85 -9.63
CA VAL A 155 -0.36 4.35 -9.15
C VAL A 155 -1.40 5.46 -9.08
N ALA A 156 -2.62 5.03 -9.44
CA ALA A 156 -3.80 5.89 -9.28
C ALA A 156 -4.79 5.01 -8.49
N LEU A 157 -4.91 5.26 -7.21
CA LEU A 157 -5.90 4.60 -6.35
C LEU A 157 -7.10 5.56 -6.35
N LYS A 158 -8.31 5.03 -6.46
CA LYS A 158 -9.49 5.92 -6.45
C LYS A 158 -10.51 5.60 -5.38
N HIS A 159 -11.44 6.53 -5.14
CA HIS A 159 -12.51 6.28 -4.14
C HIS A 159 -13.67 5.55 -4.82
N GLN A 160 -13.88 4.33 -4.37
CA GLN A 160 -14.93 3.44 -4.90
C GLN A 160 -15.04 3.37 -6.42
N GLN A 161 -13.92 3.28 -7.09
CA GLN A 161 -13.82 3.14 -8.54
C GLN A 161 -12.48 2.39 -8.78
N PRO A 162 -12.48 1.70 -9.90
CA PRO A 162 -11.27 0.94 -10.32
C PRO A 162 -10.13 1.95 -10.58
N GLY A 163 -8.93 1.51 -10.27
CA GLY A 163 -7.76 2.38 -10.51
C GLY A 163 -6.70 1.54 -11.27
N VAL A 164 -5.50 2.09 -11.33
CA VAL A 164 -4.49 1.31 -12.12
C VAL A 164 -3.14 1.38 -11.39
N TYR A 165 -2.39 0.40 -11.80
CA TYR A 165 -0.94 0.32 -11.50
C TYR A 165 -0.32 0.35 -12.91
N ASP A 166 0.50 1.33 -13.24
CA ASP A 166 1.13 1.41 -14.54
C ASP A 166 2.56 0.92 -14.31
N PHE A 167 2.97 -0.07 -15.06
CA PHE A 167 4.36 -0.57 -14.92
C PHE A 167 5.19 -0.13 -16.14
N GLY A 168 6.31 0.56 -15.86
CA GLY A 168 7.21 0.86 -17.00
C GLY A 168 6.88 2.09 -17.83
N PHE A 169 5.82 2.84 -17.48
CA PHE A 169 5.50 4.06 -18.27
C PHE A 169 4.61 4.93 -17.36
N ILE A 170 4.48 6.17 -17.78
CA ILE A 170 3.67 7.17 -17.06
C ILE A 170 2.48 7.47 -17.95
N ASP A 171 1.30 7.48 -17.36
CA ASP A 171 0.10 7.80 -18.12
C ASP A 171 -0.22 9.26 -17.75
N SER A 172 0.09 10.18 -18.66
CA SER A 172 -0.18 11.60 -18.42
C SER A 172 -1.66 11.94 -18.37
N SER A 173 -2.53 11.10 -18.89
CA SER A 173 -3.97 11.43 -18.78
C SER A 173 -4.50 11.14 -17.38
N LYS A 174 -3.71 10.57 -16.47
CA LYS A 174 -4.16 10.25 -15.10
C LYS A 174 -4.00 11.39 -14.10
N TYR A 175 -3.33 12.46 -14.57
CA TYR A 175 -3.16 13.62 -13.66
C TYR A 175 -3.26 14.94 -14.43
N THR A 176 -3.40 15.97 -13.61
CA THR A 176 -3.49 17.35 -14.12
C THR A 176 -2.14 18.01 -13.92
N GLY A 177 -1.73 18.76 -14.93
CA GLY A 177 -0.52 19.56 -14.91
C GLY A 177 0.73 18.72 -15.04
N SER A 178 1.81 19.11 -14.42
CA SER A 178 3.06 18.36 -14.51
C SER A 178 3.37 17.68 -13.16
N LEU A 179 4.19 16.65 -13.24
CA LEU A 179 4.65 15.97 -12.01
C LEU A 179 5.72 16.83 -11.33
N THR A 180 5.74 16.76 -10.01
CA THR A 180 6.78 17.34 -9.17
C THR A 180 7.50 16.15 -8.51
N TYR A 181 8.80 16.09 -8.65
CA TYR A 181 9.58 14.99 -8.02
C TYR A 181 10.30 15.37 -6.75
N THR A 182 10.46 14.41 -5.87
CA THR A 182 11.21 14.67 -4.61
C THR A 182 12.12 13.46 -4.42
N GLY A 183 13.29 13.70 -3.79
CA GLY A 183 14.19 12.56 -3.59
C GLY A 183 13.67 11.56 -2.56
N VAL A 184 14.02 10.29 -2.82
CA VAL A 184 13.64 9.20 -1.88
C VAL A 184 14.87 8.74 -1.10
N ASP A 185 14.68 8.42 0.16
CA ASP A 185 15.73 7.86 1.06
C ASP A 185 15.35 6.37 1.20
N ASN A 186 16.05 5.48 0.53
CA ASN A 186 15.63 4.06 0.64
C ASN A 186 16.49 3.29 1.64
N SER A 187 17.15 4.04 2.51
CA SER A 187 18.06 3.36 3.47
C SER A 187 17.36 2.39 4.39
N GLN A 188 16.07 2.55 4.67
CA GLN A 188 15.32 1.61 5.51
C GLN A 188 14.48 0.73 4.57
N GLY A 189 14.68 0.78 3.28
CA GLY A 189 13.96 -0.05 2.30
C GLY A 189 12.61 0.52 1.94
N PHE A 190 12.27 1.74 2.33
CA PHE A 190 10.94 2.29 2.02
C PHE A 190 11.03 3.42 0.97
N TRP A 191 9.83 3.77 0.47
CA TRP A 191 9.80 4.94 -0.47
C TRP A 191 9.56 6.14 0.45
N SER A 192 10.65 6.51 1.12
CA SER A 192 10.58 7.57 2.12
C SER A 192 10.91 8.95 1.55
N PHE A 193 10.10 9.94 1.93
CA PHE A 193 10.37 11.31 1.37
C PHE A 193 10.07 12.33 2.49
N ASN A 194 10.53 13.56 2.19
CA ASN A 194 10.39 14.64 3.14
C ASN A 194 9.31 15.66 2.70
N VAL A 195 8.58 16.09 3.74
CA VAL A 195 7.62 17.16 3.54
C VAL A 195 8.22 18.38 4.30
N ASP A 196 8.05 19.48 3.61
CA ASP A 196 8.60 20.76 4.15
C ASP A 196 7.74 21.42 5.20
N SER A 197 6.43 21.23 5.07
CA SER A 197 5.47 21.77 6.01
C SER A 197 4.11 21.08 5.78
N TYR A 198 3.18 21.33 6.72
CA TYR A 198 1.83 20.79 6.51
C TYR A 198 0.84 21.90 6.93
N THR A 199 -0.35 21.78 6.42
CA THR A 199 -1.48 22.64 6.81
C THR A 199 -2.69 21.76 7.13
N ALA A 200 -3.12 21.82 8.37
CA ALA A 200 -4.32 21.04 8.80
C ALA A 200 -5.42 22.07 9.07
N GLY A 201 -6.29 22.28 8.10
CA GLY A 201 -7.38 23.27 8.29
C GLY A 201 -6.69 24.63 8.50
N SER A 202 -6.96 25.25 9.62
CA SER A 202 -6.46 26.54 10.05
C SER A 202 -5.08 26.59 10.67
N GLN A 203 -4.43 25.44 10.82
CA GLN A 203 -3.11 25.41 11.49
C GLN A 203 -2.00 24.85 10.60
N SER A 204 -0.86 25.52 10.57
CA SER A 204 0.25 24.99 9.72
C SER A 204 1.38 24.59 10.65
N GLY A 205 2.27 23.68 10.29
CA GLY A 205 3.37 23.32 11.23
C GLY A 205 4.58 22.91 10.35
N ASP A 206 5.60 22.55 11.09
CA ASP A 206 6.88 22.09 10.55
C ASP A 206 6.74 20.70 9.84
N GLY A 207 7.70 20.52 8.96
CA GLY A 207 7.79 19.26 8.16
C GLY A 207 8.26 18.08 8.99
N PHE A 208 8.32 16.94 8.26
CA PHE A 208 8.62 15.61 8.84
C PHE A 208 8.86 14.64 7.65
N SER A 209 9.12 13.35 7.96
CA SER A 209 9.31 12.45 6.82
C SER A 209 8.17 11.39 6.90
N GLY A 210 7.99 10.74 5.73
CA GLY A 210 6.95 9.68 5.75
C GLY A 210 7.22 8.75 4.56
N ILE A 211 6.44 7.68 4.60
CA ILE A 211 6.57 6.68 3.50
C ILE A 211 5.28 6.62 2.69
N ALA A 212 5.44 6.38 1.40
CA ALA A 212 4.29 6.21 0.51
C ALA A 212 3.97 4.71 0.59
N ASP A 213 2.79 4.43 1.14
CA ASP A 213 2.36 3.03 1.40
C ASP A 213 0.95 2.67 0.88
N THR A 214 0.94 2.00 -0.27
CA THR A 214 -0.38 1.59 -0.77
C THR A 214 -1.09 0.56 0.12
N GLY A 215 -0.33 -0.10 0.97
CA GLY A 215 -0.91 -1.16 1.83
C GLY A 215 -1.45 -0.71 3.18
N THR A 216 -1.43 0.60 3.39
CA THR A 216 -1.97 1.17 4.66
C THR A 216 -3.25 1.91 4.23
N THR A 217 -4.33 1.60 4.91
CA THR A 217 -5.62 2.21 4.59
C THR A 217 -5.67 3.72 4.86
N LEU A 218 -5.13 4.11 6.01
CA LEU A 218 -5.30 5.55 6.42
C LEU A 218 -4.06 6.40 6.27
N LEU A 219 -4.25 7.66 6.71
CA LEU A 219 -3.15 8.63 6.69
C LEU A 219 -2.72 8.69 8.18
N LEU A 220 -1.55 8.09 8.47
CA LEU A 220 -1.11 8.02 9.88
C LEU A 220 0.00 9.05 10.15
N LEU A 221 -0.36 9.91 11.09
CA LEU A 221 0.52 11.03 11.44
C LEU A 221 0.87 11.08 12.92
N ASP A 222 1.77 12.00 13.28
CA ASP A 222 2.15 12.18 14.68
C ASP A 222 0.92 12.63 15.49
N ASP A 223 0.85 12.16 16.72
CA ASP A 223 -0.31 12.52 17.56
C ASP A 223 -0.51 14.01 17.68
N SER A 224 0.57 14.78 17.66
CA SER A 224 0.38 16.25 17.80
C SER A 224 -0.41 16.78 16.62
N VAL A 225 -0.10 16.26 15.42
CA VAL A 225 -0.73 16.65 14.17
C VAL A 225 -2.19 16.18 14.21
N VAL A 226 -2.40 14.95 14.61
CA VAL A 226 -3.77 14.38 14.75
C VAL A 226 -4.61 15.24 15.71
N SER A 227 -4.04 15.59 16.87
CA SER A 227 -4.78 16.48 17.79
C SER A 227 -5.18 17.78 17.12
N GLN A 228 -4.20 18.41 16.48
CA GLN A 228 -4.46 19.74 15.84
C GLN A 228 -5.55 19.64 14.80
N TYR A 229 -5.57 18.54 14.05
CA TYR A 229 -6.60 18.33 13.05
C TYR A 229 -7.99 18.21 13.71
N TYR A 230 -8.09 17.25 14.63
CA TYR A 230 -9.40 16.94 15.25
C TYR A 230 -9.87 18.05 16.21
N SER A 231 -8.91 18.85 16.67
CA SER A 231 -9.38 19.97 17.53
C SER A 231 -10.32 20.87 16.73
N GLN A 232 -10.29 20.77 15.41
CA GLN A 232 -11.11 21.61 14.52
C GLN A 232 -12.38 20.99 13.96
N VAL A 233 -12.69 19.79 14.41
CA VAL A 233 -13.83 18.99 14.01
C VAL A 233 -14.79 18.89 15.20
N SER A 234 -15.93 19.56 15.04
CA SER A 234 -16.87 19.53 16.18
C SER A 234 -17.32 18.10 16.52
N GLY A 235 -17.22 17.76 17.79
CA GLY A 235 -17.67 16.47 18.32
C GLY A 235 -16.76 15.27 18.12
N ALA A 236 -15.58 15.46 17.52
CA ALA A 236 -14.62 14.38 17.28
C ALA A 236 -14.29 13.73 18.62
N GLN A 237 -14.27 12.40 18.59
CA GLN A 237 -13.92 11.65 19.82
C GLN A 237 -13.32 10.32 19.38
N GLN A 238 -12.48 9.75 20.21
CA GLN A 238 -11.87 8.45 19.86
C GLN A 238 -12.88 7.36 20.21
N ASP A 239 -12.91 6.34 19.37
CA ASP A 239 -13.82 5.19 19.64
C ASP A 239 -12.98 3.96 19.31
N SER A 240 -12.59 3.23 20.34
CA SER A 240 -11.74 2.05 20.16
C SER A 240 -12.54 1.01 19.35
N ASN A 241 -13.85 1.01 19.42
CA ASN A 241 -14.68 0.10 18.62
C ASN A 241 -14.41 0.41 17.12
N ALA A 242 -14.43 1.70 16.82
CA ALA A 242 -14.24 2.15 15.43
C ALA A 242 -12.79 2.07 15.04
N GLY A 243 -11.85 2.46 15.86
CA GLY A 243 -10.42 2.38 15.47
C GLY A 243 -9.68 3.72 15.60
N GLY A 244 -10.33 4.68 16.17
CA GLY A 244 -9.69 6.01 16.34
C GLY A 244 -10.79 7.08 16.44
N TYR A 245 -10.40 8.27 16.00
CA TYR A 245 -11.31 9.41 16.03
C TYR A 245 -12.49 9.20 15.06
N VAL A 246 -13.68 9.47 15.58
CA VAL A 246 -14.92 9.35 14.79
C VAL A 246 -15.64 10.72 14.96
N PHE A 247 -16.57 10.90 14.02
CA PHE A 247 -17.37 12.15 14.07
C PHE A 247 -18.66 11.84 13.30
N ASP A 248 -19.54 12.83 13.45
CA ASP A 248 -20.86 12.78 12.78
C ASP A 248 -20.53 12.74 11.29
N CYS A 249 -21.13 11.85 10.55
CA CYS A 249 -20.86 11.75 9.11
C CYS A 249 -21.12 13.04 8.32
N SER A 250 -21.99 13.88 8.81
CA SER A 250 -22.30 15.13 8.08
C SER A 250 -21.35 16.27 8.41
N THR A 251 -20.37 16.00 9.22
CA THR A 251 -19.39 17.04 9.62
C THR A 251 -18.68 17.60 8.40
N ASN A 252 -18.39 18.89 8.49
CA ASN A 252 -17.63 19.61 7.45
C ASN A 252 -16.16 19.42 7.85
N LEU A 253 -15.38 18.64 7.11
CA LEU A 253 -13.97 18.44 7.59
C LEU A 253 -12.97 19.36 6.87
N PRO A 254 -12.01 19.84 7.61
CA PRO A 254 -10.94 20.64 7.02
C PRO A 254 -10.13 19.79 6.00
N ASP A 255 -9.49 20.51 5.10
CA ASP A 255 -8.56 19.85 4.14
C ASP A 255 -7.24 19.61 4.88
N PHE A 256 -6.42 18.77 4.28
CA PHE A 256 -5.06 18.48 4.84
C PHE A 256 -4.06 18.63 3.72
N SER A 257 -3.00 19.41 3.85
CA SER A 257 -2.06 19.48 2.72
C SER A 257 -0.64 19.36 3.22
N VAL A 258 0.23 18.92 2.32
CA VAL A 258 1.69 18.86 2.70
C VAL A 258 2.40 19.58 1.52
N SER A 259 3.51 20.20 1.89
CA SER A 259 4.30 20.93 0.85
C SER A 259 5.52 20.04 0.60
N ILE A 260 5.65 19.59 -0.65
CA ILE A 260 6.72 18.68 -1.05
C ILE A 260 7.55 19.27 -2.18
N SER A 261 8.76 19.69 -1.82
CA SER A 261 9.64 20.26 -2.86
C SER A 261 8.90 21.31 -3.68
N GLY A 262 8.19 22.21 -3.01
CA GLY A 262 7.45 23.28 -3.69
C GLY A 262 6.04 22.95 -4.16
N TYR A 263 5.71 21.64 -4.21
CA TYR A 263 4.34 21.21 -4.61
C TYR A 263 3.44 21.02 -3.37
N THR A 264 2.24 21.57 -3.45
CA THR A 264 1.25 21.38 -2.37
C THR A 264 0.34 20.18 -2.71
N ALA A 265 0.49 19.13 -1.93
CA ALA A 265 -0.39 17.93 -2.17
C ALA A 265 -1.58 18.09 -1.18
N THR A 266 -2.76 18.28 -1.69
CA THR A 266 -3.93 18.49 -0.83
C THR A 266 -4.89 17.32 -0.79
N VAL A 267 -5.20 16.93 0.43
CA VAL A 267 -6.27 15.93 0.63
C VAL A 267 -7.52 16.71 1.06
N PRO A 268 -8.54 16.74 0.20
CA PRO A 268 -9.79 17.43 0.48
C PRO A 268 -10.49 16.75 1.63
N GLY A 269 -11.15 17.57 2.43
CA GLY A 269 -11.88 17.04 3.59
C GLY A 269 -12.85 15.89 3.23
N SER A 270 -13.46 15.87 2.06
CA SER A 270 -14.40 14.80 1.71
C SER A 270 -13.70 13.43 1.67
N LEU A 271 -12.42 13.41 1.33
CA LEU A 271 -11.68 12.16 1.31
C LEU A 271 -11.24 11.76 2.73
N ILE A 272 -11.24 12.68 3.66
CA ILE A 272 -10.87 12.36 5.06
C ILE A 272 -12.04 11.72 5.79
N ASN A 273 -13.19 11.70 5.14
CA ASN A 273 -14.36 11.01 5.73
C ASN A 273 -14.16 9.60 5.16
N TYR A 274 -13.62 8.71 5.96
CA TYR A 274 -13.34 7.33 5.50
C TYR A 274 -14.62 6.54 5.21
N GLY A 275 -15.52 6.67 6.16
CA GLY A 275 -16.80 5.96 6.04
C GLY A 275 -17.36 5.64 7.43
N PRO A 276 -18.48 4.93 7.37
CA PRO A 276 -19.22 4.54 8.57
C PRO A 276 -18.26 3.76 9.45
N SER A 277 -18.25 4.21 10.69
CA SER A 277 -17.34 3.61 11.68
C SER A 277 -17.79 2.18 11.97
N GLY A 278 -19.02 1.92 11.56
CA GLY A 278 -19.68 0.62 11.76
C GLY A 278 -20.05 0.47 13.25
N ASP A 279 -20.80 1.48 13.70
CA ASP A 279 -21.24 1.53 15.12
C ASP A 279 -21.91 2.88 15.41
N GLY A 280 -23.23 2.86 15.20
CA GLY A 280 -24.04 4.07 15.42
C GLY A 280 -23.89 4.97 14.18
N SER A 281 -24.17 6.22 14.39
CA SER A 281 -24.20 7.39 13.55
C SER A 281 -22.90 8.11 13.20
N THR A 282 -21.78 7.45 13.45
CA THR A 282 -20.49 8.09 13.21
C THR A 282 -19.72 7.49 12.05
N CYS A 283 -18.76 8.30 11.64
CA CYS A 283 -17.84 7.98 10.53
C CYS A 283 -16.43 8.01 11.07
N LEU A 284 -15.56 7.19 10.49
CA LEU A 284 -14.16 7.16 10.94
C LEU A 284 -13.34 8.20 10.16
N GLY A 285 -12.44 8.88 10.86
CA GLY A 285 -11.57 9.85 10.19
C GLY A 285 -10.46 9.10 9.44
N GLY A 286 -10.10 9.67 8.30
CA GLY A 286 -9.06 9.13 7.43
C GLY A 286 -7.66 9.45 7.97
N ILE A 287 -7.53 10.36 8.90
CA ILE A 287 -6.32 10.72 9.58
C ILE A 287 -6.32 10.07 10.97
N GLN A 288 -5.25 9.31 11.24
CA GLN A 288 -5.19 8.66 12.59
C GLN A 288 -3.74 8.68 13.06
N SER A 289 -3.59 8.26 14.31
CA SER A 289 -2.23 8.23 14.91
C SER A 289 -1.30 7.18 14.31
N ASN A 290 -0.03 7.49 14.19
CA ASN A 290 1.04 6.59 13.74
C ASN A 290 1.62 5.84 14.96
N SER A 291 0.99 5.95 16.11
CA SER A 291 1.40 5.27 17.36
C SER A 291 2.82 5.54 17.85
N GLY A 292 3.29 6.74 17.53
CA GLY A 292 4.62 7.15 17.97
C GLY A 292 5.78 6.43 17.30
N ILE A 293 5.64 5.90 16.11
CA ILE A 293 6.76 5.25 15.44
C ILE A 293 7.79 6.24 14.89
N GLY A 294 7.61 7.52 14.83
CA GLY A 294 8.70 8.39 14.37
C GLY A 294 8.67 8.80 12.92
N PHE A 295 7.69 8.33 12.16
CA PHE A 295 7.61 8.76 10.73
C PHE A 295 6.13 8.62 10.34
N SER A 296 5.73 9.28 9.29
CA SER A 296 4.31 9.20 8.91
C SER A 296 4.12 8.17 7.83
N ILE A 297 2.85 7.70 7.77
CA ILE A 297 2.46 6.73 6.78
C ILE A 297 1.44 7.32 5.80
N PHE A 298 1.92 7.63 4.61
CA PHE A 298 1.02 8.20 3.58
C PHE A 298 0.31 7.03 2.88
N GLY A 299 -0.76 6.54 3.49
CA GLY A 299 -1.63 5.47 3.05
C GLY A 299 -2.67 5.95 2.03
N ASP A 300 -3.61 5.06 1.76
CA ASP A 300 -4.61 5.19 0.70
C ASP A 300 -5.35 6.53 0.77
N ILE A 301 -5.65 6.96 1.98
CA ILE A 301 -6.42 8.25 2.07
C ILE A 301 -5.73 9.36 1.28
N PHE A 302 -4.44 9.48 1.53
CA PHE A 302 -3.54 10.46 0.87
C PHE A 302 -3.43 10.14 -0.61
N LEU A 303 -3.16 8.87 -0.93
CA LEU A 303 -2.97 8.41 -2.33
C LEU A 303 -4.17 8.58 -3.26
N LYS A 304 -5.37 8.52 -2.75
CA LYS A 304 -6.58 8.70 -3.51
C LYS A 304 -6.63 10.12 -4.08
N SER A 305 -5.79 11.01 -3.65
CA SER A 305 -5.82 12.39 -4.22
C SER A 305 -4.78 12.65 -5.29
N GLN A 306 -3.79 11.75 -5.40
CA GLN A 306 -2.66 11.97 -6.29
C GLN A 306 -2.42 10.81 -7.27
N TYR A 307 -1.65 11.15 -8.30
CA TYR A 307 -1.12 10.13 -9.21
C TYR A 307 0.35 10.08 -8.74
N VAL A 308 0.85 8.91 -8.37
CA VAL A 308 2.22 8.87 -7.80
C VAL A 308 3.14 8.00 -8.67
N VAL A 309 4.29 8.57 -8.97
CA VAL A 309 5.29 7.79 -9.77
C VAL A 309 6.38 7.31 -8.83
N PHE A 310 6.64 6.01 -8.81
CA PHE A 310 7.71 5.41 -7.97
C PHE A 310 8.88 5.14 -8.96
N ASP A 311 9.87 6.00 -8.93
CA ASP A 311 10.97 5.88 -9.93
C ASP A 311 12.27 5.39 -9.30
N SER A 312 12.68 4.24 -9.84
CA SER A 312 13.93 3.67 -9.29
C SER A 312 15.13 4.55 -9.62
N ASP A 313 15.12 5.43 -10.58
CA ASP A 313 16.30 6.29 -10.90
C ASP A 313 16.34 7.46 -9.91
N GLY A 314 17.27 7.48 -8.96
CA GLY A 314 17.24 8.62 -7.98
C GLY A 314 17.62 7.90 -6.66
N PRO A 315 16.68 7.17 -6.05
CA PRO A 315 15.29 7.03 -6.52
C PRO A 315 14.52 8.30 -6.23
N GLN A 316 13.30 8.43 -6.71
CA GLN A 316 12.51 9.64 -6.46
C GLN A 316 11.02 9.34 -6.64
N LEU A 317 10.16 10.21 -6.12
CA LEU A 317 8.72 10.00 -6.26
C LEU A 317 8.17 11.23 -6.98
N GLY A 318 7.29 11.05 -7.93
CA GLY A 318 6.69 12.25 -8.60
C GLY A 318 5.25 12.22 -8.15
N PHE A 319 4.72 13.44 -7.96
CA PHE A 319 3.33 13.66 -7.56
C PHE A 319 2.60 14.71 -8.47
N ALA A 320 1.30 14.49 -8.65
CA ALA A 320 0.46 15.50 -9.37
C ALA A 320 -0.98 15.17 -8.91
N PRO A 321 -1.92 16.09 -8.96
CA PRO A 321 -3.30 15.79 -8.57
C PRO A 321 -3.91 14.83 -9.61
N GLN A 322 -4.69 13.88 -9.12
CA GLN A 322 -5.37 12.91 -9.98
C GLN A 322 -6.34 13.64 -10.89
N ALA A 323 -6.52 13.13 -12.10
CA ALA A 323 -7.41 13.84 -13.06
C ALA A 323 -8.86 13.37 -12.90
N VAL B 2 -6.20 -1.44 7.62
CA VAL B 2 -4.97 -2.21 7.85
C VAL B 2 -3.71 -1.38 7.80
N VAL B 3 -2.63 -1.91 8.33
CA VAL B 3 -1.32 -1.19 8.23
C VAL B 3 -0.31 -2.24 7.70
#